data_7Z1R
#
_entry.id   7Z1R
#
_cell.length_a   87.808
_cell.length_b   87.808
_cell.length_c   55.184
_cell.angle_alpha   90.000
_cell.angle_beta   90.000
_cell.angle_gamma   120.000
#
_symmetry.space_group_name_H-M   'P 32 2 1'
#
loop_
_entity.id
_entity.type
_entity.pdbx_description
1 polymer 'SlPYL1-E151D ABA'
2 non-polymer '(2Z,4E)-5-[(1S)-1-hydroxy-2,6,6-trimethyl-4-oxocyclohex-2-en-1-yl]-3-methylpenta-2,4-dienoic acid'
3 non-polymer GLYCEROL
4 water water
#
_entity_poly.entity_id   1
_entity_poly.type   'polypeptide(L)'
_entity_poly.pdbx_seq_one_letter_code
;MDNKPETSLDNPVHQRSEPGSETGSSLSTITTHHLTVPPGLTPEEFQELSSSIAEFHSYRINPGQCSSLLAQRIHAPVET
VWTVVRRFDKPQTYKHFIKSCSVGEDFRMTVGSTRDVTVISGLPAATSTERLDILDDDRHVTGFSIIGGDHRLRNYRSVT
TVHGFERDGEIWTVVLESYVVDVPEGNTEEDTRLFADTVVKLNLQKLASVTETLAREAGNGSVNSRDASHRS
;
_entity_poly.pdbx_strand_id   D000
#
loop_
_chem_comp.id
_chem_comp.type
_chem_comp.name
_chem_comp.formula
A8S non-polymer '(2Z,4E)-5-[(1S)-1-hydroxy-2,6,6-trimethyl-4-oxocyclohex-2-en-1-yl]-3-methylpenta-2,4-dienoic acid' 'C15 H20 O4'
GOL non-polymer GLYCEROL 'C3 H8 O3'
#
# COMPACT_ATOMS: atom_id res chain seq x y z
N LEU A 27 -15.20 -8.00 -21.40
CA LEU A 27 -15.67 -6.89 -20.57
C LEU A 27 -14.86 -6.79 -19.28
N SER A 28 -15.55 -6.78 -18.15
CA SER A 28 -14.88 -6.72 -16.85
C SER A 28 -14.24 -8.06 -16.52
N THR A 29 -13.14 -8.01 -15.78
CA THR A 29 -12.38 -9.19 -15.41
C THR A 29 -12.02 -9.11 -13.93
N ILE A 30 -11.69 -10.27 -13.34
CA ILE A 30 -11.21 -10.33 -11.96
C ILE A 30 -9.69 -10.43 -12.01
N THR A 31 -9.02 -9.71 -11.11
CA THR A 31 -7.56 -9.76 -11.10
C THR A 31 -7.09 -11.16 -10.71
N THR A 32 -5.82 -11.44 -10.99
CA THR A 32 -5.25 -12.77 -10.77
C THR A 32 -4.08 -12.74 -9.79
N HIS A 33 -3.95 -11.68 -8.98
CA HIS A 33 -2.81 -11.56 -8.08
C HIS A 33 -2.71 -12.73 -7.13
N HIS A 34 -3.85 -13.30 -6.79
CA HIS A 34 -3.93 -14.38 -5.83
C HIS A 34 -3.61 -15.71 -6.46
N LEU A 35 -3.18 -15.72 -7.72
CA LEU A 35 -2.93 -16.94 -8.46
C LEU A 35 -1.49 -17.07 -8.96
N THR A 36 -0.65 -16.06 -8.71
CA THR A 36 0.77 -16.07 -9.10
C THR A 36 1.59 -15.45 -7.97
N VAL A 37 2.89 -15.72 -7.98
CA VAL A 37 3.80 -15.29 -6.92
C VAL A 37 4.32 -13.89 -7.25
N PRO A 38 4.10 -12.89 -6.40
CA PRO A 38 4.62 -11.56 -6.71
C PRO A 38 6.11 -11.47 -6.39
N PRO A 39 6.85 -10.61 -7.11
CA PRO A 39 8.28 -10.45 -6.86
C PRO A 39 8.62 -10.25 -5.37
N GLY A 40 9.74 -10.84 -4.96
CA GLY A 40 10.21 -10.69 -3.59
C GLY A 40 9.51 -11.56 -2.56
N LEU A 41 8.62 -12.45 -3.01
CA LEU A 41 7.99 -13.44 -2.15
C LEU A 41 8.47 -14.82 -2.57
N THR A 42 8.67 -15.70 -1.60
CA THR A 42 8.97 -17.06 -1.98
C THR A 42 7.67 -17.81 -2.31
N PRO A 43 7.76 -18.89 -3.08
CA PRO A 43 6.54 -19.69 -3.34
C PRO A 43 5.93 -20.23 -2.05
N GLU A 44 6.75 -20.70 -1.11
CA GLU A 44 6.23 -21.18 0.17
C GLU A 44 5.47 -20.07 0.89
N GLU A 45 6.01 -18.85 0.88
CA GLU A 45 5.28 -17.75 1.49
C GLU A 45 3.96 -17.49 0.77
N PHE A 46 3.98 -17.51 -0.55
CA PHE A 46 2.74 -17.28 -1.30
C PHE A 46 1.68 -18.30 -0.91
N GLN A 47 2.04 -19.58 -0.88
CA GLN A 47 1.04 -20.59 -0.59
C GLN A 47 0.41 -20.37 0.78
N GLU A 48 1.16 -19.79 1.72
CA GLU A 48 0.56 -19.45 3.01
C GLU A 48 -0.35 -18.24 2.92
N LEU A 49 -0.14 -17.36 1.93
CA LEU A 49 -0.87 -16.11 1.85
C LEU A 49 -1.98 -16.12 0.81
N SER A 50 -2.17 -17.24 0.11
CA SER A 50 -3.02 -17.20 -1.07
C SER A 50 -4.46 -16.86 -0.73
N SER A 51 -4.96 -17.33 0.42
CA SER A 51 -6.33 -17.00 0.81
C SER A 51 -6.48 -15.53 1.18
N SER A 52 -5.45 -14.94 1.80
CA SER A 52 -5.48 -13.53 2.11
C SER A 52 -5.43 -12.70 0.84
N ILE A 53 -4.62 -13.12 -0.13
CA ILE A 53 -4.55 -12.38 -1.39
C ILE A 53 -5.88 -12.46 -2.10
N ALA A 54 -6.55 -13.60 -2.04
CA ALA A 54 -7.87 -13.68 -2.67
C ALA A 54 -8.88 -12.79 -1.95
N GLU A 55 -8.81 -12.74 -0.63
CA GLU A 55 -9.81 -12.01 0.15
C GLU A 55 -9.61 -10.50 0.08
N PHE A 56 -8.36 -10.01 0.16
CA PHE A 56 -8.10 -8.58 0.29
C PHE A 56 -7.48 -7.93 -0.94
N HIS A 57 -6.90 -8.71 -1.85
CA HIS A 57 -6.12 -8.14 -2.93
C HIS A 57 -6.66 -8.61 -4.28
N SER A 58 -7.98 -8.72 -4.40
CA SER A 58 -8.63 -9.02 -5.66
C SER A 58 -9.62 -7.92 -5.99
N TYR A 59 -9.75 -7.64 -7.28
CA TYR A 59 -10.58 -6.54 -7.76
C TYR A 59 -11.25 -6.95 -9.06
N ARG A 60 -12.44 -6.39 -9.30
CA ARG A 60 -13.05 -6.44 -10.62
C ARG A 60 -12.61 -5.17 -11.34
N ILE A 61 -11.99 -5.32 -12.51
CA ILE A 61 -11.42 -4.19 -13.22
C ILE A 61 -11.97 -4.14 -14.65
N ASN A 62 -12.11 -2.95 -15.16
CA ASN A 62 -12.65 -2.70 -16.49
C ASN A 62 -11.52 -2.48 -17.48
N PRO A 63 -11.82 -2.53 -18.78
CA PRO A 63 -10.76 -2.41 -19.79
C PRO A 63 -9.82 -1.21 -19.63
N GLY A 64 -10.25 -0.09 -19.03
CA GLY A 64 -9.37 1.06 -18.93
C GLY A 64 -8.53 1.13 -17.67
N GLN A 65 -8.44 0.02 -16.97
CA GLN A 65 -7.85 -0.04 -15.64
C GLN A 65 -6.71 -1.03 -15.60
N CYS A 66 -5.82 -0.85 -14.64
CA CYS A 66 -4.78 -1.83 -14.39
C CYS A 66 -4.65 -2.01 -12.88
N SER A 67 -3.94 -3.08 -12.51
CA SER A 67 -3.85 -3.43 -11.11
C SER A 67 -2.57 -4.23 -10.90
N SER A 68 -2.01 -4.11 -9.70
CA SER A 68 -0.75 -4.77 -9.41
C SER A 68 -0.72 -5.16 -7.93
N LEU A 69 0.10 -6.16 -7.62
CA LEU A 69 0.34 -6.59 -6.25
C LEU A 69 1.83 -6.61 -6.01
N LEU A 70 2.28 -5.93 -4.96
CA LEU A 70 3.67 -5.89 -4.56
C LEU A 70 3.83 -6.47 -3.16
N ALA A 71 5.01 -7.05 -2.88
CA ALA A 71 5.27 -7.66 -1.59
C ALA A 71 6.62 -7.18 -1.06
N GLN A 72 6.74 -7.16 0.27
CA GLN A 72 7.99 -6.78 0.91
C GLN A 72 8.17 -7.61 2.17
N ARG A 73 9.27 -8.36 2.24
CA ARG A 73 9.57 -9.10 3.46
C ARG A 73 10.32 -8.17 4.42
N ILE A 74 9.96 -8.23 5.70
CA ILE A 74 10.52 -7.32 6.72
C ILE A 74 10.94 -8.15 7.93
N HIS A 75 12.19 -7.99 8.37
CA HIS A 75 12.66 -8.75 9.54
C HIS A 75 12.38 -7.98 10.83
N ALA A 76 11.12 -8.06 11.20
CA ALA A 76 10.55 -7.38 12.37
C ALA A 76 9.23 -8.05 12.67
N PRO A 77 8.74 -7.95 13.91
CA PRO A 77 7.46 -8.58 14.26
C PRO A 77 6.30 -7.83 13.65
N VAL A 78 5.18 -8.52 13.51
CA VAL A 78 4.03 -7.95 12.78
C VAL A 78 3.59 -6.64 13.42
N GLU A 79 3.48 -6.60 14.76
CA GLU A 79 2.92 -5.42 15.38
C GLU A 79 3.86 -4.23 15.26
N THR A 80 5.17 -4.48 15.21
CA THR A 80 6.12 -3.40 14.93
C THR A 80 5.84 -2.78 13.56
N VAL A 81 5.59 -3.63 12.56
CA VAL A 81 5.31 -3.11 11.22
C VAL A 81 3.94 -2.46 11.19
N TRP A 82 2.95 -3.09 11.83
CA TRP A 82 1.58 -2.59 11.75
C TRP A 82 1.45 -1.22 12.43
N THR A 83 2.16 -1.00 13.54
CA THR A 83 2.12 0.29 14.21
C THR A 83 2.45 1.43 13.25
N VAL A 84 3.36 1.19 12.32
CA VAL A 84 3.72 2.21 11.33
C VAL A 84 2.72 2.24 10.18
N VAL A 85 2.46 1.08 9.57
CA VAL A 85 1.53 0.96 8.44
C VAL A 85 0.19 1.62 8.74
N ARG A 86 -0.26 1.53 9.99
CA ARG A 86 -1.63 1.92 10.32
C ARG A 86 -1.82 3.42 10.51
N ARG A 87 -0.75 4.22 10.51
CA ARG A 87 -0.82 5.65 10.85
C ARG A 87 -1.21 6.46 9.62
N PHE A 88 -2.52 6.49 9.38
CA PHE A 88 -3.05 7.14 8.19
C PHE A 88 -2.65 8.62 8.13
N ASP A 89 -2.51 9.25 9.29
CA ASP A 89 -2.19 10.67 9.36
C ASP A 89 -0.71 10.95 9.25
N LYS A 90 0.15 9.92 9.19
CA LYS A 90 1.59 10.13 9.12
C LYS A 90 2.22 9.30 8.01
N PRO A 91 1.73 9.45 6.77
CA PRO A 91 2.33 8.70 5.66
C PRO A 91 3.80 8.98 5.49
N GLN A 92 4.29 10.17 5.89
CA GLN A 92 5.68 10.55 5.68
C GLN A 92 6.61 9.59 6.40
N THR A 93 6.11 8.87 7.40
CA THR A 93 6.97 7.99 8.16
C THR A 93 7.44 6.77 7.36
N TYR A 94 6.74 6.35 6.29
CA TYR A 94 7.26 5.24 5.50
C TYR A 94 7.16 5.52 4.00
N LYS A 95 6.84 6.74 3.58
CA LYS A 95 6.69 7.06 2.18
C LYS A 95 7.68 8.14 1.82
N HIS A 96 8.18 8.10 0.59
CA HIS A 96 9.13 9.09 0.09
C HIS A 96 8.38 10.33 -0.43
N PHE A 97 9.11 11.44 -0.52
CA PHE A 97 8.62 12.65 -1.19
C PHE A 97 7.37 13.27 -0.56
N ILE A 98 7.11 13.04 0.71
CA ILE A 98 5.96 13.67 1.37
C ILE A 98 6.43 15.00 1.98
N LYS A 99 5.94 16.12 1.44
CA LYS A 99 6.30 17.40 2.03
C LYS A 99 5.48 17.66 3.28
N SER A 100 4.20 17.31 3.27
CA SER A 100 3.33 17.51 4.43
C SER A 100 2.13 16.60 4.29
N CYS A 101 1.46 16.36 5.42
CA CYS A 101 0.18 15.67 5.40
C CYS A 101 -0.70 16.29 6.49
N SER A 102 -1.87 16.77 6.10
CA SER A 102 -2.78 17.44 7.03
C SER A 102 -4.06 16.63 7.16
N VAL A 103 -4.52 16.45 8.39
CA VAL A 103 -5.77 15.75 8.66
C VAL A 103 -6.78 16.62 9.39
N GLY A 104 -6.39 17.81 9.85
CA GLY A 104 -7.30 18.67 10.56
C GLY A 104 -7.52 18.22 12.00
N GLU A 105 -7.63 19.19 12.91
CA GLU A 105 -7.86 18.89 14.31
C GLU A 105 -9.14 18.07 14.49
N ASP A 106 -9.25 17.42 15.64
CA ASP A 106 -10.29 16.43 15.93
C ASP A 106 -10.18 15.22 15.02
N PHE A 107 -9.11 15.11 14.25
CA PHE A 107 -8.92 13.91 13.44
C PHE A 107 -8.97 12.69 14.35
N ARG A 108 -9.88 11.78 14.06
CA ARG A 108 -9.93 10.48 14.72
C ARG A 108 -9.82 9.43 13.64
N MET A 109 -8.99 8.41 13.88
CA MET A 109 -8.76 7.42 12.84
C MET A 109 -10.01 6.55 12.64
N THR A 110 -10.84 6.93 11.69
CA THR A 110 -12.06 6.18 11.39
C THR A 110 -12.23 6.11 9.87
N VAL A 111 -12.85 5.03 9.42
CA VAL A 111 -13.12 4.88 7.99
C VAL A 111 -13.90 6.11 7.53
N GLY A 112 -13.49 6.68 6.41
CA GLY A 112 -14.07 7.90 5.89
C GLY A 112 -13.25 9.15 6.17
N SER A 113 -12.33 9.09 7.13
CA SER A 113 -11.45 10.22 7.39
C SER A 113 -10.60 10.50 6.16
N THR A 114 -10.18 11.74 6.00
CA THR A 114 -9.43 12.13 4.82
C THR A 114 -8.15 12.86 5.22
N ARG A 115 -7.19 12.80 4.33
CA ARG A 115 -5.92 13.48 4.52
C ARG A 115 -5.57 14.23 3.24
N ASP A 116 -4.93 15.37 3.40
CA ASP A 116 -4.41 16.14 2.28
C ASP A 116 -2.90 16.00 2.30
N VAL A 117 -2.36 15.32 1.31
CA VAL A 117 -0.92 15.07 1.23
C VAL A 117 -0.34 15.99 0.17
N THR A 118 0.76 16.65 0.50
CA THR A 118 1.54 17.42 -0.48
C THR A 118 2.80 16.63 -0.81
N VAL A 119 3.00 16.35 -2.09
CA VAL A 119 4.03 15.43 -2.58
C VAL A 119 5.01 16.22 -3.42
N ILE A 120 6.29 16.16 -3.06
CA ILE A 120 7.33 16.98 -3.68
C ILE A 120 8.15 16.16 -4.66
N SER A 121 7.48 15.30 -5.43
CA SER A 121 8.09 14.54 -6.51
C SER A 121 8.32 15.36 -7.77
N GLY A 122 7.85 16.60 -7.77
CA GLY A 122 8.07 17.51 -8.88
C GLY A 122 7.75 18.91 -8.44
N LEU A 123 7.85 19.85 -9.38
CA LEU A 123 7.55 21.24 -9.08
C LEU A 123 6.52 21.73 -10.07
N PRO A 124 5.41 22.33 -9.62
CA PRO A 124 5.03 22.59 -8.22
C PRO A 124 4.70 21.27 -7.49
N ALA A 125 4.66 21.25 -6.16
CA ALA A 125 4.31 20.04 -5.44
C ALA A 125 2.86 19.65 -5.67
N ALA A 126 2.60 18.35 -5.73
CA ALA A 126 1.27 17.84 -5.99
C ALA A 126 0.46 17.78 -4.70
N THR A 127 -0.86 17.83 -4.85
CA THR A 127 -1.76 17.63 -3.72
C THR A 127 -2.63 16.43 -4.01
N SER A 128 -2.71 15.51 -3.04
CA SER A 128 -3.58 14.35 -3.13
C SER A 128 -4.49 14.36 -1.91
N THR A 129 -5.80 14.27 -2.13
CA THR A 129 -6.77 14.13 -1.07
C THR A 129 -7.16 12.66 -1.02
N GLU A 130 -7.02 12.04 0.14
CA GLU A 130 -7.12 10.59 0.24
C GLU A 130 -8.06 10.21 1.37
N ARG A 131 -8.85 9.15 1.16
CA ARG A 131 -9.88 8.71 2.07
CA ARG A 131 -9.87 8.71 2.09
C ARG A 131 -9.48 7.35 2.65
N LEU A 132 -9.59 7.22 3.96
CA LEU A 132 -9.34 5.94 4.64
C LEU A 132 -10.51 5.00 4.38
N ASP A 133 -10.24 3.93 3.64
CA ASP A 133 -11.28 2.96 3.26
C ASP A 133 -11.46 1.84 4.28
N ILE A 134 -10.36 1.31 4.82
CA ILE A 134 -10.38 0.14 5.68
C ILE A 134 -9.41 0.36 6.83
N LEU A 135 -9.80 -0.07 8.03
CA LEU A 135 -8.87 -0.07 9.16
C LEU A 135 -9.27 -1.22 10.09
N ASP A 136 -8.56 -2.33 10.00
CA ASP A 136 -8.84 -3.51 10.81
C ASP A 136 -7.58 -3.83 11.61
N ASP A 137 -7.57 -3.43 12.89
CA ASP A 137 -6.39 -3.66 13.71
C ASP A 137 -6.24 -5.12 14.10
N ASP A 138 -7.30 -5.91 14.00
CA ASP A 138 -7.18 -7.32 14.38
C ASP A 138 -6.58 -8.14 13.25
N ARG A 139 -6.99 -7.87 12.02
CA ARG A 139 -6.48 -8.60 10.87
C ARG A 139 -5.31 -7.89 10.19
N HIS A 140 -5.00 -6.67 10.62
CA HIS A 140 -3.89 -5.90 10.05
C HIS A 140 -4.11 -5.61 8.56
N VAL A 141 -5.23 -4.93 8.29
CA VAL A 141 -5.63 -4.52 6.95
C VAL A 141 -5.94 -3.04 6.96
N THR A 142 -5.42 -2.30 5.98
CA THR A 142 -5.84 -0.92 5.75
C THR A 142 -5.84 -0.66 4.25
N GLY A 143 -6.36 0.50 3.87
CA GLY A 143 -6.47 0.85 2.45
C GLY A 143 -7.04 2.24 2.35
N PHE A 144 -6.77 2.87 1.21
CA PHE A 144 -7.23 4.24 0.96
C PHE A 144 -7.58 4.40 -0.49
N SER A 145 -8.34 5.48 -0.78
CA SER A 145 -8.74 5.83 -2.13
C SER A 145 -8.39 7.28 -2.34
N ILE A 146 -7.86 7.62 -3.51
CA ILE A 146 -7.60 9.02 -3.87
C ILE A 146 -8.90 9.61 -4.40
N ILE A 147 -9.35 10.69 -3.78
CA ILE A 147 -10.65 11.28 -4.10
C ILE A 147 -10.52 12.75 -4.47
N GLY A 148 -9.31 13.26 -4.62
CA GLY A 148 -9.14 14.61 -5.10
C GLY A 148 -7.66 14.93 -5.25
N GLY A 149 -7.39 16.16 -5.65
CA GLY A 149 -6.05 16.65 -5.84
C GLY A 149 -5.83 17.20 -7.23
N ASP A 150 -4.57 17.51 -7.54
CA ASP A 150 -4.25 18.11 -8.83
C ASP A 150 -3.30 17.25 -9.67
N HIS A 151 -3.27 15.95 -9.45
CA HIS A 151 -2.42 15.02 -10.19
C HIS A 151 -3.25 14.24 -11.21
N ARG A 152 -2.60 13.26 -11.86
CA ARG A 152 -3.24 12.55 -12.96
C ARG A 152 -3.78 11.17 -12.59
N LEU A 153 -3.38 10.61 -11.45
CA LEU A 153 -3.83 9.28 -11.05
C LEU A 153 -5.31 9.36 -10.68
N ARG A 154 -6.16 8.75 -11.51
CA ARG A 154 -7.59 8.77 -11.31
C ARG A 154 -8.08 7.38 -10.90
N ASN A 155 -9.02 7.34 -9.94
CA ASN A 155 -9.60 6.08 -9.50
C ASN A 155 -8.60 5.21 -8.76
N TYR A 156 -7.54 5.81 -8.22
CA TYR A 156 -6.55 5.02 -7.48
C TYR A 156 -7.11 4.53 -6.16
N ARG A 157 -6.99 3.21 -5.92
CA ARG A 157 -7.37 2.60 -4.66
CA ARG A 157 -7.37 2.60 -4.66
C ARG A 157 -6.34 1.54 -4.29
N SER A 158 -5.95 1.51 -3.03
CA SER A 158 -4.95 0.53 -2.61
C SER A 158 -5.36 -0.15 -1.31
N VAL A 159 -4.83 -1.36 -1.10
CA VAL A 159 -5.03 -2.08 0.15
C VAL A 159 -3.69 -2.63 0.57
N THR A 160 -3.40 -2.55 1.87
CA THR A 160 -2.15 -3.05 2.46
C THR A 160 -2.52 -4.03 3.58
N THR A 161 -1.92 -5.22 3.55
CA THR A 161 -2.10 -6.18 4.63
C THR A 161 -0.74 -6.61 5.16
N VAL A 162 -0.73 -6.99 6.42
CA VAL A 162 0.51 -7.30 7.12
C VAL A 162 0.35 -8.69 7.73
N HIS A 163 1.39 -9.52 7.55
CA HIS A 163 1.33 -10.95 7.86
C HIS A 163 2.57 -11.42 8.60
N GLY A 164 2.37 -12.26 9.62
CA GLY A 164 3.46 -12.81 10.39
C GLY A 164 3.81 -14.21 9.92
N PHE A 165 5.11 -14.49 9.88
CA PHE A 165 5.62 -15.81 9.55
C PHE A 165 6.55 -16.31 10.64
N GLU A 166 6.62 -17.62 10.77
CA GLU A 166 7.52 -18.24 11.75
C GLU A 166 8.11 -19.50 11.15
N ARG A 167 9.39 -19.75 11.44
CA ARG A 167 10.05 -21.00 11.06
C ARG A 167 11.12 -21.30 12.09
N ASP A 168 10.92 -22.35 12.89
CA ASP A 168 11.92 -22.77 13.88
C ASP A 168 12.28 -21.65 14.83
N GLY A 169 11.26 -20.96 15.35
CA GLY A 169 11.47 -19.88 16.28
C GLY A 169 11.83 -18.55 15.66
N GLU A 170 12.19 -18.51 14.39
CA GLU A 170 12.51 -17.25 13.74
C GLU A 170 11.23 -16.61 13.24
N ILE A 171 11.18 -15.28 13.30
CA ILE A 171 9.97 -14.51 13.03
C ILE A 171 10.28 -13.46 11.97
N TRP A 172 9.34 -13.28 11.05
CA TRP A 172 9.42 -12.17 10.11
C TRP A 172 8.02 -11.78 9.67
N THR A 173 7.96 -10.69 8.92
CA THR A 173 6.69 -10.13 8.45
C THR A 173 6.72 -10.05 6.94
N VAL A 174 5.56 -10.23 6.30
CA VAL A 174 5.41 -9.89 4.89
C VAL A 174 4.32 -8.83 4.80
N VAL A 175 4.59 -7.75 4.07
CA VAL A 175 3.58 -6.74 3.74
C VAL A 175 3.19 -6.93 2.30
N LEU A 176 1.88 -6.93 2.03
CA LEU A 176 1.34 -7.02 0.68
C LEU A 176 0.62 -5.71 0.43
N GLU A 177 0.87 -5.11 -0.74
CA GLU A 177 0.17 -3.89 -1.13
C GLU A 177 -0.25 -4.02 -2.58
N SER A 178 -1.55 -3.88 -2.83
CA SER A 178 -2.10 -3.91 -4.16
C SER A 178 -2.84 -2.61 -4.44
N TYR A 179 -3.05 -2.34 -5.72
CA TYR A 179 -3.80 -1.15 -6.15
C TYR A 179 -4.57 -1.48 -7.42
N VAL A 180 -5.60 -0.67 -7.66
CA VAL A 180 -6.29 -0.56 -8.94
C VAL A 180 -6.25 0.92 -9.30
N VAL A 181 -6.11 1.23 -10.59
CA VAL A 181 -6.07 2.62 -11.02
C VAL A 181 -6.52 2.68 -12.48
N ASP A 182 -7.02 3.84 -12.87
CA ASP A 182 -7.37 4.07 -14.27
C ASP A 182 -6.10 4.40 -15.04
N VAL A 183 -5.95 3.85 -16.25
CA VAL A 183 -4.84 4.21 -17.13
C VAL A 183 -5.13 5.58 -17.73
N PRO A 184 -4.30 6.58 -17.46
CA PRO A 184 -4.59 7.94 -17.91
C PRO A 184 -4.53 8.04 -19.43
N GLU A 185 -5.38 8.91 -19.96
CA GLU A 185 -5.39 9.18 -21.40
C GLU A 185 -3.99 9.51 -21.91
N GLY A 186 -3.62 8.88 -23.03
CA GLY A 186 -2.33 9.12 -23.62
C GLY A 186 -1.19 8.38 -22.98
N ASN A 187 -1.47 7.49 -22.03
CA ASN A 187 -0.45 6.65 -21.41
C ASN A 187 -0.80 5.19 -21.60
N THR A 188 0.23 4.36 -21.61
CA THR A 188 0.06 2.92 -21.72
C THR A 188 -0.17 2.33 -20.33
N GLU A 189 -0.79 1.14 -20.31
CA GLU A 189 -0.91 0.44 -19.04
C GLU A 189 0.46 0.13 -18.46
N GLU A 190 1.42 -0.21 -19.32
CA GLU A 190 2.75 -0.60 -18.84
C GLU A 190 3.46 0.55 -18.15
N ASP A 191 3.34 1.77 -18.70
CA ASP A 191 3.91 2.92 -18.01
C ASP A 191 3.14 3.26 -16.75
N THR A 192 1.81 3.11 -16.79
CA THR A 192 1.03 3.34 -15.58
C THR A 192 1.46 2.37 -14.49
N ARG A 193 1.53 1.08 -14.81
CA ARG A 193 1.99 0.11 -13.82
CA ARG A 193 1.99 0.11 -13.83
C ARG A 193 3.42 0.37 -13.38
N LEU A 194 4.30 0.73 -14.32
CA LEU A 194 5.69 0.99 -13.95
C LEU A 194 5.77 2.14 -12.94
N PHE A 195 5.01 3.21 -13.18
CA PHE A 195 4.99 4.33 -12.25
C PHE A 195 4.48 3.92 -10.88
N ALA A 196 3.27 3.37 -10.80
CA ALA A 196 2.69 3.06 -9.51
C ALA A 196 3.47 1.95 -8.82
N ASP A 197 3.89 0.94 -9.56
CA ASP A 197 4.72 -0.12 -9.00
C ASP A 197 5.99 0.44 -8.36
N THR A 198 6.64 1.37 -9.05
CA THR A 198 7.90 1.89 -8.51
C THR A 198 7.64 2.70 -7.25
N VAL A 199 6.60 3.53 -7.26
CA VAL A 199 6.28 4.29 -6.05
C VAL A 199 6.04 3.33 -4.89
N VAL A 200 5.18 2.34 -5.10
CA VAL A 200 4.82 1.45 -4.00
C VAL A 200 6.01 0.64 -3.54
N LYS A 201 6.78 0.07 -4.48
CA LYS A 201 7.97 -0.70 -4.12
C LYS A 201 8.96 0.12 -3.30
N LEU A 202 9.23 1.37 -3.71
CA LEU A 202 10.23 2.13 -2.98
C LEU A 202 9.72 2.51 -1.59
N ASN A 203 8.42 2.76 -1.46
CA ASN A 203 7.87 3.08 -0.14
C ASN A 203 7.84 1.84 0.75
N LEU A 204 7.63 0.66 0.17
CA LEU A 204 7.71 -0.55 0.96
C LEU A 204 9.14 -0.80 1.46
N GLN A 205 10.13 -0.38 0.67
CA GLN A 205 11.52 -0.49 1.11
C GLN A 205 11.78 0.46 2.27
N LYS A 206 11.27 1.68 2.21
CA LYS A 206 11.38 2.58 3.36
C LYS A 206 10.66 2.00 4.57
N LEU A 207 9.48 1.41 4.37
CA LEU A 207 8.79 0.77 5.48
C LEU A 207 9.66 -0.29 6.11
N ALA A 208 10.33 -1.10 5.28
CA ALA A 208 11.18 -2.17 5.81
C ALA A 208 12.34 -1.60 6.60
N SER A 209 12.98 -0.56 6.07
CA SER A 209 14.12 0.04 6.77
C SER A 209 13.71 0.63 8.10
N VAL A 210 12.61 1.38 8.09
CA VAL A 210 12.14 2.07 9.28
C VAL A 210 11.77 1.07 10.36
N THR A 211 11.07 0.00 9.99
CA THR A 211 10.60 -0.95 10.99
C THR A 211 11.72 -1.91 11.40
N GLU A 212 12.66 -2.23 10.52
CA GLU A 212 13.78 -3.07 10.93
C GLU A 212 14.71 -2.32 11.86
N THR A 213 14.93 -1.03 11.59
CA THR A 213 15.62 -0.19 12.57
C THR A 213 14.89 -0.20 13.89
N LEU A 214 13.57 -0.01 13.87
CA LEU A 214 12.79 -0.05 15.11
C LEU A 214 13.02 -1.36 15.84
N ALA A 215 12.94 -2.48 15.12
CA ALA A 215 13.06 -3.79 15.76
C ALA A 215 14.47 -3.99 16.32
N ARG A 216 15.49 -3.63 15.53
CA ARG A 216 16.88 -3.80 15.97
C ARG A 216 17.14 -3.06 17.27
N GLU A 217 16.60 -1.85 17.40
CA GLU A 217 16.89 -0.99 18.54
C GLU A 217 15.93 -1.17 19.71
N ALA A 218 14.83 -1.90 19.50
CA ALA A 218 13.83 -2.21 20.55
C ALA A 218 13.38 -0.90 21.19
N GLY A 219 13.40 -0.78 22.51
CA GLY A 219 12.89 0.41 23.17
C GLY A 219 11.37 0.42 23.23
C1 A8S B . 0.85 5.75 -2.42
C2 A8S B . 0.78 5.44 -3.90
C3 A8S B . 0.90 6.25 -4.97
C4 A8S B . 1.18 7.67 -4.75
C5 A8S B . 1.32 8.54 -5.74
C6 A8S B . 0.80 5.76 -6.38
C7 A8S B . 1.59 10.01 -5.55
O7 A8S B . 1.60 10.28 -4.15
C8 A8S B . 2.97 10.27 -6.10
C9 A8S B . 3.15 10.82 -7.31
C10 A8S B . 2.05 11.15 -8.20
O10 A8S B . 2.24 11.74 -9.26
C11 A8S B . 0.67 10.81 -7.74
O11 A8S B . 0.66 4.75 -1.69
C12 A8S B . 0.49 10.90 -6.22
O12 A8S B . 1.06 6.90 -1.95
C13 A8S B . 4.14 9.91 -5.22
C14 A8S B . 0.58 12.37 -5.81
C15 A8S B . -0.91 10.41 -5.86
H2 A8S B . 0.59 4.39 -4.08
H4 A8S B . 1.24 7.94 -3.71
H5 A8S B . 1.25 8.27 -6.79
H6 A8S B . 0.88 4.67 -6.42
H6A A8S B . 1.58 6.17 -7.00
H6B A8S B . -0.16 6.03 -6.82
HO7 A8S B . 0.66 10.19 -3.82
H9 A8S B . 4.15 11.03 -7.69
H11 A8S B . 0.42 9.81 -8.11
H11A A8S B . -0.04 11.45 -8.27
H13 A8S B . 5.07 9.83 -5.76
H13A A8S B . 4.01 8.95 -4.72
H14 A8S B . 1.61 12.70 -5.70
H14A A8S B . 0.09 12.57 -4.86
H14B A8S B . 0.12 13.03 -6.54
H15 A8S B . -0.97 10.07 -4.82
H15A A8S B . -1.22 9.56 -6.47
H15B A8S B . -1.67 11.18 -6.00
H13B A8S B . 4.32 10.63 -4.43
C1 GOL C . 15.44 1.83 -8.33
O1 GOL C . 15.11 2.51 -7.18
C2 GOL C . 14.10 1.39 -8.90
O2 GOL C . 13.31 0.80 -7.93
C3 GOL C . 13.46 2.62 -9.48
O3 GOL C . 13.73 2.48 -10.81
H11 GOL C . 16.02 1.06 -8.17
H12 GOL C . 15.91 2.39 -8.97
HO1 GOL C . 14.24 2.49 -7.13
H2 GOL C . 14.23 0.72 -9.59
HO2 GOL C . 12.72 1.35 -7.70
H31 GOL C . 13.85 3.41 -9.08
H32 GOL C . 12.52 2.65 -9.26
HO3 GOL C . 14.58 2.31 -10.89
C1 GOL D . 4.10 -21.29 8.67
O1 GOL D . 5.41 -21.02 8.28
C2 GOL D . 3.50 -19.95 9.30
O2 GOL D . 4.43 -18.97 9.58
C3 GOL D . 2.50 -19.49 8.21
O3 GOL D . 2.04 -18.22 8.53
H11 GOL D . 4.06 -22.00 9.33
H12 GOL D . 3.55 -21.58 7.93
HO1 GOL D . 5.37 -20.51 7.59
H2 GOL D . 3.09 -20.16 10.15
HO2 GOL D . 5.19 -19.34 9.61
H31 GOL D . 1.78 -20.14 8.15
H32 GOL D . 2.94 -19.52 7.35
HO3 GOL D . 2.70 -17.68 8.50
#